data_2JCK
#
_entry.id   2JCK
#
_cell.length_a   122.824
_cell.length_b   68.251
_cell.length_c   44.732
_cell.angle_alpha   90.00
_cell.angle_beta   90.19
_cell.angle_gamma   90.00
#
_symmetry.space_group_name_H-M   'C 1 2 1'
#
loop_
_entity.id
_entity.type
_entity.pdbx_description
1 polymer 'N-ACETYLLACTOSAMINIDE ALPHA-1,3-GALACTOSYLTRANSFERASE'
2 non-polymer "URIDINE-5'-DIPHOSPHATE"
3 non-polymer 'MANGANESE (II) ION'
4 water water
#
_entity_poly.entity_id   1
_entity_poly.type   'polypeptide(L)'
_entity_poly.pdbx_seq_one_letter_code
;ESKLKLSDWFNPFKRPEVVTMTKWKAPVVWEGTYNRAVLDNYYAKQKITVGLTVFAVGRYIEHYLEEFLTSANKHFMVGH
PVIFYIMVDDVSRMPLIELGPLRSFKVFKIKPEKRWQDISMMRMKTIGEHIVAHIQHEVDFLFCMDVDQVFQDKFGVETL
GESVAQLQAWWYKADPNDFTYERRKESAAYIPFGEGDFYYHAAIFGGTPTQVLNITQECFKGILKDKKNDIEAQWHDESH
LNKYFLLNKPTKILSPEYCWDYHIGLPADIKLVKMSWQTKEYNVVKNNV
;
_entity_poly.pdbx_strand_id   A
#
loop_
_chem_comp.id
_chem_comp.type
_chem_comp.name
_chem_comp.formula
MN non-polymer 'MANGANESE (II) ION' 'Mn 2'
UDP RNA linking URIDINE-5'-DIPHOSPHATE 'C9 H14 N2 O12 P2'
#
# COMPACT_ATOMS: atom_id res chain seq x y z
N LEU A 4 14.17 20.21 -3.17
CA LEU A 4 13.05 20.23 -2.19
C LEU A 4 13.57 19.90 -0.79
N LYS A 5 13.11 20.65 0.20
CA LYS A 5 13.53 20.42 1.57
C LYS A 5 12.39 19.82 2.37
N LEU A 6 12.72 19.09 3.42
CA LEU A 6 11.71 18.48 4.28
C LEU A 6 10.77 19.56 4.79
N SER A 7 11.34 20.70 5.20
CA SER A 7 10.55 21.81 5.73
C SER A 7 9.62 22.45 4.71
N ASP A 8 9.90 22.23 3.44
CA ASP A 8 9.07 22.78 2.36
C ASP A 8 7.66 22.21 2.37
N TRP A 9 7.53 20.96 2.79
CA TRP A 9 6.22 20.31 2.77
C TRP A 9 5.81 19.60 4.06
N PHE A 10 6.78 19.27 4.92
CA PHE A 10 6.46 18.53 6.15
C PHE A 10 6.57 19.38 7.42
N ASN A 11 5.46 19.44 8.17
CA ASN A 11 5.37 20.19 9.42
C ASN A 11 4.85 19.24 10.50
N PRO A 12 5.71 18.36 11.02
CA PRO A 12 5.33 17.39 12.05
C PRO A 12 4.77 17.95 13.36
N PHE A 13 5.22 19.14 13.75
CA PHE A 13 4.76 19.77 14.99
C PHE A 13 3.26 20.03 15.01
N LYS A 14 2.65 20.05 13.82
CA LYS A 14 1.22 20.27 13.68
C LYS A 14 0.39 19.14 14.26
N ARG A 15 1.00 17.98 14.44
CA ARG A 15 0.32 16.82 15.00
C ARG A 15 1.23 16.24 16.08
N PRO A 16 1.31 16.93 17.23
CA PRO A 16 2.15 16.53 18.37
C PRO A 16 1.71 15.34 19.22
N GLU A 17 0.51 14.83 19.01
CA GLU A 17 0.04 13.71 19.82
C GLU A 17 0.31 12.33 19.21
N VAL A 18 0.89 12.30 18.01
CA VAL A 18 1.19 11.04 17.33
C VAL A 18 2.64 11.01 16.87
N VAL A 19 3.11 9.85 16.42
CA VAL A 19 4.47 9.71 15.95
C VAL A 19 4.53 10.28 14.52
N THR A 20 5.37 11.30 14.32
CA THR A 20 5.47 11.95 13.02
C THR A 20 6.77 11.70 12.25
N MET A 21 7.70 10.99 12.87
CA MET A 21 8.96 10.67 12.21
C MET A 21 9.58 9.51 12.95
N THR A 22 10.22 8.60 12.21
CA THR A 22 10.85 7.45 12.82
C THR A 22 12.29 7.73 13.20
N LYS A 23 12.91 6.77 13.88
CA LYS A 23 14.30 6.89 14.31
C LYS A 23 15.21 7.03 13.10
N TRP A 24 14.84 6.39 11.99
CA TRP A 24 15.66 6.44 10.77
C TRP A 24 15.27 7.64 9.89
N LYS A 25 14.51 8.54 10.49
CA LYS A 25 14.09 9.80 9.87
C LYS A 25 13.05 9.74 8.76
N ALA A 26 12.23 8.69 8.77
CA ALA A 26 11.17 8.56 7.79
C ALA A 26 9.99 9.38 8.29
N PRO A 27 9.46 10.27 7.46
CA PRO A 27 8.33 11.02 8.00
C PRO A 27 7.10 10.09 8.03
N VAL A 28 6.25 10.27 9.04
CA VAL A 28 5.01 9.52 9.15
C VAL A 28 3.97 10.60 8.83
N VAL A 29 3.40 10.52 7.64
CA VAL A 29 2.45 11.51 7.18
C VAL A 29 1.05 11.42 7.78
N TRP A 30 0.70 12.43 8.57
CA TRP A 30 -0.61 12.53 9.20
C TRP A 30 -1.31 13.77 8.65
N GLU A 31 -2.63 13.77 8.72
CA GLU A 31 -3.41 14.90 8.25
C GLU A 31 -2.94 16.11 9.07
N GLY A 32 -2.72 17.24 8.39
CA GLY A 32 -2.29 18.44 9.07
C GLY A 32 -0.80 18.68 9.01
N THR A 33 -0.03 17.66 8.65
CA THR A 33 1.42 17.81 8.61
C THR A 33 2.00 18.03 7.23
N TYR A 34 1.20 17.85 6.19
CA TYR A 34 1.71 18.01 4.83
C TYR A 34 1.16 19.21 4.06
N ASN A 35 1.98 19.70 3.13
CA ASN A 35 1.61 20.83 2.29
C ASN A 35 1.49 20.25 0.88
N ARG A 36 0.29 19.83 0.52
CA ARG A 36 0.08 19.23 -0.80
C ARG A 36 0.25 20.19 -1.97
N ALA A 37 -0.04 21.47 -1.76
CA ALA A 37 0.09 22.45 -2.83
C ALA A 37 1.54 22.58 -3.26
N VAL A 38 2.44 22.66 -2.28
CA VAL A 38 3.87 22.77 -2.56
C VAL A 38 4.36 21.55 -3.33
N LEU A 39 3.92 20.36 -2.92
CA LEU A 39 4.32 19.13 -3.59
C LEU A 39 3.67 18.98 -4.95
N ASP A 40 2.40 19.35 -5.05
CA ASP A 40 1.70 19.26 -6.33
C ASP A 40 2.49 20.01 -7.40
N ASN A 41 2.96 21.21 -7.04
CA ASN A 41 3.73 22.03 -7.97
C ASN A 41 5.10 21.41 -8.26
N TYR A 42 5.75 20.93 -7.20
CA TYR A 42 7.06 20.30 -7.34
C TYR A 42 7.02 19.09 -8.25
N TYR A 43 6.01 18.24 -8.08
CA TYR A 43 5.91 17.05 -8.92
C TYR A 43 5.39 17.35 -10.31
N ALA A 44 4.50 18.34 -10.44
CA ALA A 44 4.00 18.70 -11.75
C ALA A 44 5.17 19.12 -12.64
N LYS A 45 6.04 19.95 -12.09
CA LYS A 45 7.22 20.42 -12.83
C LYS A 45 8.11 19.27 -13.29
N GLN A 46 8.06 18.14 -12.60
CA GLN A 46 8.86 16.98 -12.98
C GLN A 46 8.08 16.07 -13.91
N LYS A 47 6.80 16.39 -14.11
CA LYS A 47 5.94 15.60 -14.96
C LYS A 47 5.95 14.14 -14.54
N ILE A 48 5.62 13.86 -13.29
CA ILE A 48 5.60 12.47 -12.84
C ILE A 48 4.27 11.81 -13.18
N THR A 49 4.31 10.48 -13.26
CA THR A 49 3.11 9.68 -13.52
C THR A 49 3.09 8.66 -12.39
N VAL A 50 1.93 8.38 -11.84
CA VAL A 50 1.82 7.44 -10.74
C VAL A 50 0.95 6.26 -11.11
N GLY A 51 1.42 5.06 -10.78
CA GLY A 51 0.67 3.86 -11.09
C GLY A 51 0.02 3.27 -9.85
N LEU A 52 -1.00 2.46 -10.07
CA LEU A 52 -1.73 1.82 -8.98
C LEU A 52 -2.17 0.43 -9.43
N THR A 53 -1.68 -0.61 -8.77
CA THR A 53 -2.07 -1.96 -9.12
C THR A 53 -3.17 -2.41 -8.17
N VAL A 54 -4.11 -3.17 -8.70
CA VAL A 54 -5.20 -3.70 -7.90
C VAL A 54 -5.62 -5.03 -8.48
N PHE A 55 -5.84 -6.01 -7.62
CA PHE A 55 -6.25 -7.34 -8.06
C PHE A 55 -7.70 -7.58 -7.64
N ALA A 56 -8.46 -8.19 -8.53
CA ALA A 56 -9.84 -8.53 -8.24
C ALA A 56 -10.08 -9.89 -8.87
N VAL A 57 -10.09 -10.92 -8.04
CA VAL A 57 -10.29 -12.29 -8.52
C VAL A 57 -11.52 -12.89 -7.85
N GLY A 58 -12.29 -13.63 -8.63
CA GLY A 58 -13.48 -14.25 -8.11
C GLY A 58 -14.56 -13.24 -7.75
N ARG A 59 -15.19 -13.44 -6.60
CA ARG A 59 -16.27 -12.56 -6.15
C ARG A 59 -15.86 -11.14 -5.79
N TYR A 60 -14.55 -10.92 -5.65
CA TYR A 60 -14.05 -9.60 -5.32
C TYR A 60 -14.31 -8.61 -6.44
N ILE A 61 -14.45 -9.11 -7.65
CA ILE A 61 -14.72 -8.23 -8.78
C ILE A 61 -16.02 -7.45 -8.60
N GLU A 62 -17.13 -8.16 -8.42
CA GLU A 62 -18.43 -7.52 -8.26
C GLU A 62 -18.64 -6.88 -6.90
N HIS A 63 -17.95 -7.40 -5.89
CA HIS A 63 -18.09 -6.88 -4.53
C HIS A 63 -17.32 -5.60 -4.26
N TYR A 64 -16.13 -5.46 -4.84
CA TYR A 64 -15.29 -4.29 -4.55
C TYR A 64 -14.66 -3.48 -5.67
N LEU A 65 -14.38 -4.10 -6.82
CA LEU A 65 -13.69 -3.40 -7.90
C LEU A 65 -14.26 -2.06 -8.38
N GLU A 66 -15.55 -2.02 -8.70
CA GLU A 66 -16.12 -0.75 -9.17
C GLU A 66 -16.01 0.36 -8.13
N GLU A 67 -16.32 0.04 -6.87
CA GLU A 67 -16.27 1.04 -5.83
C GLU A 67 -14.84 1.52 -5.63
N PHE A 68 -13.88 0.61 -5.72
CA PHE A 68 -12.47 0.96 -5.57
C PHE A 68 -12.02 1.91 -6.67
N LEU A 69 -12.26 1.53 -7.92
CA LEU A 69 -11.86 2.35 -9.07
C LEU A 69 -12.57 3.70 -9.13
N THR A 70 -13.87 3.71 -8.86
CA THR A 70 -14.63 4.94 -8.89
C THR A 70 -14.07 5.97 -7.93
N SER A 71 -13.78 5.54 -6.69
CA SER A 71 -13.23 6.44 -5.69
C SER A 71 -11.78 6.83 -6.01
N ALA A 72 -11.00 5.88 -6.54
CA ALA A 72 -9.60 6.16 -6.88
C ALA A 72 -9.53 7.23 -7.98
N ASN A 73 -10.46 7.14 -8.92
CA ASN A 73 -10.55 8.10 -10.01
C ASN A 73 -10.71 9.51 -9.46
N LYS A 74 -11.50 9.61 -8.40
CA LYS A 74 -11.81 10.89 -7.77
C LYS A 74 -10.79 11.43 -6.76
N HIS A 75 -10.13 10.54 -6.03
CA HIS A 75 -9.21 10.97 -4.99
C HIS A 75 -7.71 10.69 -5.12
N PHE A 76 -7.33 9.73 -5.95
CA PHE A 76 -5.92 9.34 -6.10
C PHE A 76 -5.04 10.26 -6.96
N MET A 77 -4.02 10.84 -6.33
CA MET A 77 -3.07 11.71 -7.04
C MET A 77 -3.79 12.67 -7.98
N VAL A 78 -4.78 13.39 -7.46
CA VAL A 78 -5.53 14.31 -8.30
C VAL A 78 -4.62 15.41 -8.84
N GLY A 79 -4.69 15.65 -10.14
CA GLY A 79 -3.86 16.68 -10.76
C GLY A 79 -2.61 16.14 -11.45
N HIS A 80 -2.40 14.83 -11.37
CA HIS A 80 -1.24 14.17 -11.97
C HIS A 80 -1.63 12.95 -12.81
N PRO A 81 -0.85 12.62 -13.84
CA PRO A 81 -1.19 11.45 -14.66
C PRO A 81 -1.17 10.19 -13.79
N VAL A 82 -2.21 9.36 -13.91
CA VAL A 82 -2.31 8.13 -13.15
C VAL A 82 -2.69 6.99 -14.08
N ILE A 83 -2.15 5.80 -13.82
CA ILE A 83 -2.47 4.65 -14.64
C ILE A 83 -2.89 3.54 -13.69
N PHE A 84 -4.13 3.07 -13.86
CA PHE A 84 -4.64 1.99 -13.03
C PHE A 84 -4.35 0.67 -13.73
N TYR A 85 -3.63 -0.22 -13.05
CA TYR A 85 -3.30 -1.53 -13.59
C TYR A 85 -4.23 -2.49 -12.88
N ILE A 86 -5.19 -3.01 -13.61
CA ILE A 86 -6.19 -3.90 -13.02
C ILE A 86 -5.98 -5.36 -13.41
N MET A 87 -5.75 -6.21 -12.40
CA MET A 87 -5.55 -7.62 -12.62
C MET A 87 -6.79 -8.40 -12.19
N VAL A 88 -7.46 -9.03 -13.13
CA VAL A 88 -8.66 -9.82 -12.84
C VAL A 88 -8.59 -11.17 -13.51
N ASP A 89 -9.36 -12.14 -13.00
CA ASP A 89 -9.35 -13.47 -13.57
C ASP A 89 -10.39 -13.60 -14.67
N ASP A 90 -11.32 -12.65 -14.71
CA ASP A 90 -12.36 -12.66 -15.73
C ASP A 90 -12.58 -11.23 -16.18
N VAL A 91 -11.99 -10.88 -17.33
CA VAL A 91 -12.08 -9.54 -17.88
C VAL A 91 -13.48 -9.17 -18.36
N SER A 92 -14.27 -10.17 -18.77
CA SER A 92 -15.63 -9.92 -19.25
C SER A 92 -16.51 -9.33 -18.14
N ARG A 93 -16.03 -9.59 -16.92
CA ARG A 93 -16.52 -9.10 -15.68
C ARG A 93 -16.14 -7.68 -15.24
N MET A 94 -15.32 -7.05 -16.06
CA MET A 94 -14.63 -5.81 -15.74
C MET A 94 -15.53 -4.58 -15.78
N PRO A 95 -15.90 -4.04 -14.61
CA PRO A 95 -16.74 -2.85 -14.71
C PRO A 95 -15.89 -1.72 -15.30
N LEU A 96 -16.19 -1.31 -16.54
CA LEU A 96 -15.41 -0.25 -17.18
C LEU A 96 -15.99 1.14 -17.00
N ILE A 97 -15.91 1.65 -15.77
CA ILE A 97 -16.43 2.97 -15.41
C ILE A 97 -15.80 4.10 -16.19
N GLU A 98 -16.35 5.30 -16.04
CA GLU A 98 -15.79 6.45 -16.74
C GLU A 98 -14.73 7.11 -15.88
N LEU A 99 -13.57 7.33 -16.49
CA LEU A 99 -12.44 7.95 -15.81
C LEU A 99 -12.35 9.44 -16.12
N GLY A 100 -11.84 10.20 -15.16
CA GLY A 100 -11.70 11.64 -15.34
C GLY A 100 -10.35 12.05 -15.89
N PRO A 101 -10.09 13.37 -15.96
CA PRO A 101 -8.83 13.93 -16.47
C PRO A 101 -7.61 13.33 -15.78
N LEU A 102 -6.58 13.00 -16.58
CA LEU A 102 -5.34 12.45 -16.07
C LEU A 102 -5.41 11.02 -15.52
N ARG A 103 -6.50 10.33 -15.81
CA ARG A 103 -6.64 8.93 -15.39
C ARG A 103 -6.75 8.06 -16.66
N SER A 104 -6.18 6.86 -16.60
CA SER A 104 -6.25 5.92 -17.72
C SER A 104 -6.00 4.56 -17.11
N PHE A 105 -6.36 3.49 -17.83
CA PHE A 105 -6.13 2.17 -17.27
C PHE A 105 -5.60 1.14 -18.24
N LYS A 106 -5.32 -0.03 -17.68
CA LYS A 106 -4.76 -1.16 -18.38
C LYS A 106 -5.27 -2.37 -17.58
N VAL A 107 -5.95 -3.29 -18.27
CA VAL A 107 -6.50 -4.49 -17.62
C VAL A 107 -5.79 -5.76 -18.11
N PHE A 108 -5.41 -6.61 -17.16
CA PHE A 108 -4.75 -7.86 -17.50
C PHE A 108 -5.53 -9.03 -16.93
N LYS A 109 -5.62 -10.12 -17.69
CA LYS A 109 -6.33 -11.31 -17.25
C LYS A 109 -5.30 -12.22 -16.58
N ILE A 110 -5.54 -12.57 -15.32
CA ILE A 110 -4.61 -13.46 -14.62
C ILE A 110 -5.28 -14.80 -14.31
N LYS A 111 -4.48 -15.77 -13.90
CA LYS A 111 -4.99 -17.08 -13.58
C LYS A 111 -5.51 -17.04 -12.14
N PRO A 112 -6.72 -17.54 -11.90
CA PRO A 112 -7.18 -17.48 -10.50
C PRO A 112 -6.59 -18.62 -9.67
N GLU A 113 -6.00 -18.29 -8.53
CA GLU A 113 -5.45 -19.30 -7.64
C GLU A 113 -6.65 -19.85 -6.89
N LYS A 114 -6.56 -21.06 -6.37
CA LYS A 114 -7.69 -21.65 -5.66
C LYS A 114 -7.90 -21.07 -4.25
N ARG A 115 -6.91 -21.21 -3.37
CA ARG A 115 -7.02 -20.68 -2.00
C ARG A 115 -6.95 -19.16 -2.00
N TRP A 116 -7.80 -18.51 -1.21
CA TRP A 116 -7.75 -17.06 -1.16
C TRP A 116 -6.40 -16.58 -0.64
N GLN A 117 -5.78 -17.34 0.27
CA GLN A 117 -4.47 -16.94 0.79
C GLN A 117 -3.45 -16.92 -0.33
N ASP A 118 -3.53 -17.87 -1.26
CA ASP A 118 -2.59 -17.91 -2.38
C ASP A 118 -2.87 -16.75 -3.35
N ILE A 119 -4.12 -16.34 -3.46
CA ILE A 119 -4.46 -15.24 -4.35
C ILE A 119 -3.75 -13.99 -3.82
N SER A 120 -3.84 -13.77 -2.52
CA SER A 120 -3.22 -12.62 -1.89
C SER A 120 -1.71 -12.66 -2.01
N MET A 121 -1.11 -13.82 -1.75
CA MET A 121 0.33 -13.93 -1.84
C MET A 121 0.88 -13.88 -3.25
N MET A 122 0.16 -14.44 -4.21
CA MET A 122 0.66 -14.46 -5.59
C MET A 122 0.76 -13.05 -6.17
N ARG A 123 0.11 -12.09 -5.53
CA ARG A 123 0.18 -10.71 -6.01
C ARG A 123 1.63 -10.24 -6.05
N MET A 124 2.43 -10.68 -5.09
CA MET A 124 3.83 -10.27 -5.05
C MET A 124 4.57 -10.72 -6.31
N LYS A 125 4.30 -11.94 -6.75
CA LYS A 125 4.91 -12.48 -7.96
C LYS A 125 4.48 -11.69 -9.19
N THR A 126 3.17 -11.54 -9.34
CA THR A 126 2.61 -10.85 -10.48
C THR A 126 3.00 -9.39 -10.60
N ILE A 127 3.01 -8.68 -9.48
CA ILE A 127 3.39 -7.29 -9.50
C ILE A 127 4.82 -7.16 -10.00
N GLY A 128 5.72 -7.99 -9.48
CA GLY A 128 7.11 -7.95 -9.90
C GLY A 128 7.24 -8.16 -11.40
N GLU A 129 6.55 -9.16 -11.92
CA GLU A 129 6.59 -9.45 -13.35
C GLU A 129 6.17 -8.23 -14.16
N HIS A 130 5.10 -7.57 -13.73
CA HIS A 130 4.60 -6.40 -14.44
C HIS A 130 5.51 -5.18 -14.32
N ILE A 131 6.22 -5.06 -13.20
CA ILE A 131 7.13 -3.92 -13.03
C ILE A 131 8.26 -4.07 -14.04
N VAL A 132 8.86 -5.25 -14.12
CA VAL A 132 9.94 -5.49 -15.05
C VAL A 132 9.47 -5.30 -16.49
N ALA A 133 8.37 -5.94 -16.84
CA ALA A 133 7.82 -5.87 -18.19
C ALA A 133 7.41 -4.49 -18.67
N HIS A 134 6.72 -3.71 -17.83
CA HIS A 134 6.27 -2.40 -18.31
C HIS A 134 6.13 -1.26 -17.32
N ILE A 135 5.71 -1.53 -16.08
CA ILE A 135 5.52 -0.43 -15.14
C ILE A 135 6.77 0.43 -14.91
N GLN A 136 7.94 -0.19 -14.83
CA GLN A 136 9.18 0.56 -14.62
C GLN A 136 9.38 1.65 -15.68
N HIS A 137 8.82 1.44 -16.87
CA HIS A 137 8.94 2.38 -17.97
C HIS A 137 7.78 3.38 -18.06
N GLU A 138 6.73 3.16 -17.28
CA GLU A 138 5.55 4.02 -17.36
C GLU A 138 5.28 4.98 -16.20
N VAL A 139 5.82 4.69 -15.02
CA VAL A 139 5.56 5.54 -13.88
C VAL A 139 6.82 5.87 -13.07
N ASP A 140 6.71 6.88 -12.23
CA ASP A 140 7.82 7.30 -11.39
C ASP A 140 7.62 6.71 -10.00
N PHE A 141 6.36 6.51 -9.64
CA PHE A 141 5.99 5.93 -8.35
C PHE A 141 4.81 5.02 -8.57
N LEU A 142 4.69 3.99 -7.75
CA LEU A 142 3.62 3.02 -7.86
C LEU A 142 3.10 2.63 -6.48
N PHE A 143 1.80 2.42 -6.38
CA PHE A 143 1.19 1.97 -5.14
C PHE A 143 0.48 0.65 -5.45
N CYS A 144 0.63 -0.32 -4.55
CA CYS A 144 0.00 -1.62 -4.70
C CYS A 144 -1.04 -1.71 -3.58
N MET A 145 -2.31 -1.82 -3.96
CA MET A 145 -3.39 -1.86 -2.99
C MET A 145 -4.37 -3.03 -3.05
N ASP A 146 -5.01 -3.28 -1.91
CA ASP A 146 -6.05 -4.31 -1.80
C ASP A 146 -7.23 -3.68 -2.51
N VAL A 147 -8.15 -4.47 -3.03
CA VAL A 147 -9.30 -3.93 -3.74
C VAL A 147 -10.48 -3.64 -2.80
N ASP A 148 -10.49 -4.35 -1.67
CA ASP A 148 -11.57 -4.21 -0.70
C ASP A 148 -11.43 -3.01 0.22
N GLN A 149 -11.36 -1.83 -0.36
CA GLN A 149 -11.26 -0.58 0.37
C GLN A 149 -11.72 0.53 -0.56
N VAL A 150 -12.06 1.68 0.01
CA VAL A 150 -12.55 2.80 -0.79
C VAL A 150 -11.89 4.12 -0.41
N PHE A 151 -11.50 4.91 -1.42
CA PHE A 151 -10.91 6.22 -1.15
C PHE A 151 -12.03 7.12 -0.65
N GLN A 152 -11.81 7.79 0.48
CA GLN A 152 -12.79 8.68 1.08
C GLN A 152 -12.45 10.15 0.89
N ASP A 153 -11.18 10.44 0.65
CA ASP A 153 -10.76 11.81 0.43
C ASP A 153 -9.42 11.80 -0.31
N LYS A 154 -8.88 12.99 -0.57
CA LYS A 154 -7.63 13.11 -1.30
C LYS A 154 -6.47 12.28 -0.75
N PHE A 155 -5.91 11.46 -1.63
CA PHE A 155 -4.79 10.57 -1.33
C PHE A 155 -3.80 11.03 -2.41
N GLY A 156 -3.00 12.05 -2.08
CA GLY A 156 -2.10 12.63 -3.06
C GLY A 156 -0.61 12.46 -2.99
N VAL A 157 0.08 13.36 -3.67
CA VAL A 157 1.54 13.31 -3.75
C VAL A 157 2.26 13.39 -2.41
N GLU A 158 1.55 13.73 -1.34
CA GLU A 158 2.18 13.80 -0.03
C GLU A 158 2.52 12.38 0.44
N THR A 159 2.02 11.38 -0.28
CA THR A 159 2.26 9.98 0.06
C THR A 159 3.41 9.35 -0.74
N LEU A 160 4.00 10.11 -1.67
CA LEU A 160 5.09 9.57 -2.49
C LEU A 160 6.44 9.47 -1.80
N GLY A 161 7.25 8.51 -2.24
CA GLY A 161 8.56 8.30 -1.66
C GLY A 161 9.23 7.09 -2.27
N GLU A 162 10.51 6.88 -1.98
CA GLU A 162 11.24 5.74 -2.52
C GLU A 162 10.56 4.43 -2.16
N SER A 163 10.23 4.27 -0.87
CA SER A 163 9.54 3.08 -0.40
C SER A 163 8.55 3.56 0.66
N VAL A 164 7.28 3.25 0.44
CA VAL A 164 6.22 3.69 1.33
C VAL A 164 5.45 2.55 1.98
N ALA A 165 5.34 2.61 3.30
CA ALA A 165 4.61 1.61 4.06
C ALA A 165 3.39 2.24 4.73
N GLN A 166 2.41 1.41 5.05
CA GLN A 166 1.16 1.83 5.66
C GLN A 166 0.99 1.31 7.09
N LEU A 167 0.80 2.20 8.05
CA LEU A 167 0.61 1.76 9.44
C LEU A 167 -0.75 1.09 9.55
N GLN A 168 -0.80 -0.15 10.02
CA GLN A 168 -1.99 -0.83 10.15
C GLN A 168 -2.85 -0.22 11.34
N ALA A 169 -4.10 0.03 10.98
CA ALA A 169 -5.05 0.71 11.85
C ALA A 169 -5.24 0.20 13.28
N TRP A 170 -5.22 -1.11 13.48
CA TRP A 170 -5.44 -1.66 14.82
C TRP A 170 -4.23 -1.67 15.76
N TRP A 171 -3.03 -1.61 15.21
CA TRP A 171 -1.83 -1.68 16.02
C TRP A 171 -0.89 -0.50 16.05
N TYR A 172 -1.26 0.61 15.41
CA TYR A 172 -0.35 1.75 15.36
C TYR A 172 0.12 2.29 16.73
N LYS A 173 -0.62 2.00 17.79
CA LYS A 173 -0.21 2.46 19.13
C LYS A 173 0.24 1.31 20.01
N ALA A 174 0.27 0.10 19.45
CA ALA A 174 0.66 -1.07 20.24
C ALA A 174 2.15 -1.28 20.42
N ASP A 175 2.49 -2.01 21.48
CA ASP A 175 3.86 -2.35 21.80
C ASP A 175 4.26 -3.44 20.81
N PRO A 176 5.48 -3.36 20.26
CA PRO A 176 5.96 -4.35 19.29
C PRO A 176 5.74 -5.82 19.63
N ASN A 177 5.89 -6.18 20.90
CA ASN A 177 5.70 -7.57 21.28
C ASN A 177 4.25 -8.03 21.13
N ASP A 178 3.34 -7.08 20.94
CA ASP A 178 1.94 -7.42 20.76
C ASP A 178 1.59 -7.56 19.27
N PHE A 179 2.50 -7.09 18.40
CA PHE A 179 2.32 -7.16 16.94
C PHE A 179 2.13 -8.62 16.50
N THR A 180 1.28 -8.82 15.50
CA THR A 180 1.00 -10.17 14.99
C THR A 180 2.01 -10.64 13.94
N TYR A 181 3.29 -10.37 14.18
CA TYR A 181 4.36 -10.80 13.28
C TYR A 181 4.40 -12.32 13.28
N GLU A 182 5.07 -12.89 12.28
CA GLU A 182 5.25 -14.33 12.21
C GLU A 182 6.27 -14.60 13.33
N ARG A 183 5.90 -15.44 14.29
CA ARG A 183 6.79 -15.72 15.40
C ARG A 183 7.49 -17.07 15.39
N ARG A 184 7.43 -17.80 14.27
CA ARG A 184 8.08 -19.10 14.16
C ARG A 184 9.37 -18.94 13.34
N LYS A 185 10.51 -19.29 13.94
CA LYS A 185 11.78 -19.13 13.25
C LYS A 185 11.93 -19.94 11.96
N GLU A 186 11.09 -20.96 11.76
CA GLU A 186 11.17 -21.78 10.55
C GLU A 186 10.69 -21.02 9.30
N SER A 187 9.96 -19.93 9.53
CA SER A 187 9.44 -19.11 8.43
C SER A 187 10.38 -17.98 8.05
N ALA A 188 10.43 -17.66 6.75
CA ALA A 188 11.28 -16.59 6.28
C ALA A 188 10.76 -15.23 6.76
N ALA A 189 9.52 -15.20 7.21
CA ALA A 189 8.90 -13.95 7.69
C ALA A 189 9.11 -13.73 9.18
N TYR A 190 9.83 -14.64 9.80
CA TYR A 190 10.10 -14.58 11.24
C TYR A 190 10.70 -13.27 11.76
N ILE A 191 10.10 -12.77 12.84
CA ILE A 191 10.57 -11.58 13.53
C ILE A 191 10.49 -11.95 15.01
N PRO A 192 11.64 -12.08 15.68
CA PRO A 192 11.66 -12.45 17.10
C PRO A 192 11.10 -11.39 18.03
N PHE A 193 10.62 -11.84 19.19
CA PHE A 193 10.09 -10.89 20.16
C PHE A 193 11.26 -9.99 20.55
N GLY A 194 10.96 -8.73 20.84
CA GLY A 194 12.01 -7.79 21.19
C GLY A 194 12.48 -6.98 19.98
N GLU A 195 11.96 -7.31 18.80
CA GLU A 195 12.33 -6.58 17.58
C GLU A 195 11.09 -6.08 16.83
N GLY A 196 11.30 -5.15 15.92
CA GLY A 196 10.21 -4.59 15.14
C GLY A 196 10.01 -3.12 15.44
N ASP A 197 9.61 -2.37 14.43
CA ASP A 197 9.38 -0.94 14.60
C ASP A 197 7.88 -0.67 14.63
N PHE A 198 7.19 -1.11 13.58
CA PHE A 198 5.74 -0.93 13.48
C PHE A 198 5.14 -2.14 12.81
N TYR A 199 3.81 -2.20 12.80
CA TYR A 199 3.13 -3.28 12.12
C TYR A 199 2.49 -2.65 10.90
N TYR A 200 3.04 -2.97 9.73
CA TYR A 200 2.57 -2.44 8.47
C TYR A 200 1.45 -3.27 7.85
N HIS A 201 0.57 -2.60 7.16
CA HIS A 201 -0.58 -3.20 6.53
C HIS A 201 -0.26 -3.50 5.08
N ALA A 202 -0.49 -4.74 4.72
CA ALA A 202 -0.14 -5.15 3.36
C ALA A 202 -1.17 -4.67 2.34
N ALA A 203 -2.19 -3.98 2.82
CA ALA A 203 -3.26 -3.46 1.95
C ALA A 203 -2.78 -2.30 1.10
N ILE A 204 -1.69 -1.67 1.52
CA ILE A 204 -1.12 -0.55 0.79
C ILE A 204 0.38 -0.44 1.01
N PHE A 205 1.11 -0.35 -0.10
CA PHE A 205 2.56 -0.16 -0.04
C PHE A 205 2.96 0.34 -1.41
N GLY A 206 4.10 1.00 -1.50
CA GLY A 206 4.51 1.51 -2.79
C GLY A 206 5.88 2.15 -2.77
N GLY A 207 6.13 2.98 -3.78
CA GLY A 207 7.40 3.66 -3.91
C GLY A 207 7.78 3.71 -5.37
N THR A 208 9.07 3.83 -5.66
CA THR A 208 9.50 3.84 -7.06
C THR A 208 9.42 2.41 -7.56
N PRO A 209 9.29 2.23 -8.88
CA PRO A 209 9.21 0.88 -9.45
C PRO A 209 10.35 -0.03 -8.98
N THR A 210 11.56 0.51 -8.91
CA THR A 210 12.72 -0.27 -8.49
C THR A 210 12.60 -0.80 -7.07
N GLN A 211 12.14 0.05 -6.15
CA GLN A 211 11.98 -0.35 -4.76
C GLN A 211 10.82 -1.31 -4.57
N VAL A 212 9.72 -1.06 -5.30
CA VAL A 212 8.56 -1.94 -5.17
C VAL A 212 8.88 -3.30 -5.77
N LEU A 213 9.77 -3.31 -6.77
CA LEU A 213 10.18 -4.57 -7.38
C LEU A 213 10.92 -5.37 -6.32
N ASN A 214 11.80 -4.71 -5.57
CA ASN A 214 12.55 -5.39 -4.52
C ASN A 214 11.63 -5.90 -3.42
N ILE A 215 10.68 -5.06 -3.02
CA ILE A 215 9.73 -5.46 -1.98
C ILE A 215 8.99 -6.72 -2.40
N THR A 216 8.44 -6.71 -3.62
CA THR A 216 7.68 -7.87 -4.09
C THR A 216 8.53 -9.10 -4.35
N GLN A 217 9.72 -8.91 -4.92
CA GLN A 217 10.61 -10.03 -5.21
C GLN A 217 11.06 -10.72 -3.92
N GLU A 218 11.42 -9.94 -2.91
CA GLU A 218 11.86 -10.52 -1.65
C GLU A 218 10.69 -11.18 -0.94
N CYS A 219 9.53 -10.51 -0.89
CA CYS A 219 8.39 -11.13 -0.23
C CYS A 219 8.00 -12.44 -0.91
N PHE A 220 8.06 -12.49 -2.24
CA PHE A 220 7.70 -13.74 -2.88
C PHE A 220 8.74 -14.83 -2.68
N LYS A 221 10.02 -14.43 -2.60
CA LYS A 221 11.03 -15.37 -2.37
C LYS A 221 10.77 -16.07 -0.98
N GLY A 222 10.44 -15.22 -0.04
CA GLY A 222 10.14 -15.70 1.30
C GLY A 222 8.97 -16.65 1.27
N ILE A 223 7.95 -16.28 0.50
CA ILE A 223 6.75 -17.10 0.37
C ILE A 223 7.09 -18.46 -0.22
N LEU A 224 7.93 -18.47 -1.25
CA LEU A 224 8.32 -19.72 -1.88
C LEU A 224 9.14 -20.57 -0.93
N LYS A 225 10.05 -19.92 -0.21
CA LYS A 225 10.90 -20.63 0.74
C LYS A 225 10.08 -21.35 1.80
N ASP A 226 9.09 -20.68 2.38
CA ASP A 226 8.24 -21.28 3.39
C ASP A 226 7.52 -22.47 2.79
N LYS A 227 7.13 -22.30 1.55
CA LYS A 227 6.34 -23.41 0.93
C LYS A 227 7.26 -24.69 0.82
N LYS A 228 8.55 -24.42 0.54
CA LYS A 228 9.45 -25.56 0.48
C LYS A 228 9.74 -26.14 1.86
N ASN A 229 9.54 -25.33 2.90
CA ASN A 229 9.79 -25.79 4.26
C ASN A 229 8.51 -26.20 4.98
N ASP A 230 7.47 -26.43 4.19
CA ASP A 230 6.18 -26.85 4.72
C ASP A 230 5.68 -25.98 5.87
N ILE A 231 5.65 -24.68 5.61
CA ILE A 231 5.15 -23.74 6.60
C ILE A 231 4.58 -22.55 5.84
N GLU A 232 3.62 -21.87 6.44
CA GLU A 232 3.02 -20.69 5.81
C GLU A 232 2.89 -19.61 6.87
N ALA A 233 3.44 -18.44 6.59
CA ALA A 233 3.38 -17.32 7.53
C ALA A 233 1.96 -17.09 8.02
N GLN A 234 1.86 -16.76 9.31
CA GLN A 234 0.58 -16.51 9.97
C GLN A 234 -0.32 -15.58 9.16
N TRP A 235 0.23 -14.45 8.74
CA TRP A 235 -0.54 -13.50 7.96
C TRP A 235 -0.01 -13.30 6.55
N HIS A 236 0.36 -14.43 5.95
CA HIS A 236 0.82 -14.50 4.57
C HIS A 236 1.71 -13.37 4.07
N ASP A 237 1.33 -12.77 2.95
CA ASP A 237 2.14 -11.69 2.39
C ASP A 237 2.38 -10.53 3.34
N GLU A 238 1.46 -10.32 4.28
CA GLU A 238 1.63 -9.22 5.23
C GLU A 238 2.76 -9.53 6.22
N SER A 239 2.88 -10.80 6.60
CA SER A 239 3.94 -11.20 7.53
C SER A 239 5.27 -10.97 6.83
N HIS A 240 5.34 -11.37 5.56
CA HIS A 240 6.57 -11.19 4.79
C HIS A 240 6.87 -9.71 4.58
N LEU A 241 5.85 -8.94 4.25
CA LEU A 241 6.01 -7.51 4.04
C LEU A 241 6.59 -6.87 5.30
N ASN A 242 6.10 -7.29 6.46
CA ASN A 242 6.59 -6.72 7.69
C ASN A 242 8.04 -7.10 7.94
N LYS A 243 8.43 -8.30 7.51
CA LYS A 243 9.82 -8.75 7.68
C LYS A 243 10.70 -7.93 6.76
N TYR A 244 10.21 -7.67 5.56
CA TYR A 244 10.99 -6.90 4.60
C TYR A 244 11.25 -5.49 5.11
N PHE A 245 10.18 -4.80 5.52
CA PHE A 245 10.29 -3.44 6.02
C PHE A 245 11.08 -3.31 7.30
N LEU A 246 11.27 -4.43 8.00
CA LEU A 246 12.09 -4.40 9.21
C LEU A 246 13.55 -4.32 8.76
N LEU A 247 13.89 -5.12 7.76
CA LEU A 247 15.26 -5.17 7.23
C LEU A 247 15.58 -4.00 6.31
N ASN A 248 14.58 -3.50 5.61
CA ASN A 248 14.74 -2.40 4.67
C ASN A 248 13.70 -1.33 5.02
N LYS A 249 14.06 -0.48 5.98
CA LYS A 249 13.18 0.57 6.48
C LYS A 249 12.55 1.43 5.39
N PRO A 250 11.22 1.63 5.46
CA PRO A 250 10.58 2.46 4.43
C PRO A 250 11.03 3.93 4.59
N THR A 251 11.08 4.67 3.49
CA THR A 251 11.49 6.07 3.54
C THR A 251 10.32 6.98 3.92
N LYS A 252 9.12 6.44 3.88
CA LYS A 252 7.93 7.20 4.25
C LYS A 252 6.88 6.23 4.76
N ILE A 253 6.15 6.66 5.77
CA ILE A 253 5.11 5.85 6.36
C ILE A 253 3.82 6.66 6.36
N LEU A 254 2.71 6.01 6.04
CA LEU A 254 1.43 6.70 6.02
C LEU A 254 0.67 6.37 7.30
N SER A 255 0.09 7.40 7.91
CA SER A 255 -0.68 7.23 9.14
C SER A 255 -1.89 6.36 8.85
N PRO A 256 -2.56 5.86 9.90
CA PRO A 256 -3.75 5.04 9.71
C PRO A 256 -4.91 5.80 9.03
N GLU A 257 -4.77 7.11 8.87
CA GLU A 257 -5.82 7.88 8.21
C GLU A 257 -5.90 7.49 6.73
N TYR A 258 -4.79 6.96 6.21
CA TYR A 258 -4.73 6.56 4.80
C TYR A 258 -5.24 5.14 4.54
N CYS A 259 -5.69 4.47 5.59
CA CYS A 259 -6.22 3.12 5.46
C CYS A 259 -6.90 2.79 6.79
N TRP A 260 -8.02 3.44 7.02
CA TRP A 260 -8.77 3.31 8.27
C TRP A 260 -9.91 2.30 8.31
N ASP A 261 -10.03 1.65 9.46
CA ASP A 261 -11.09 0.68 9.68
C ASP A 261 -12.16 1.34 10.55
N TYR A 262 -13.26 1.75 9.93
CA TYR A 262 -14.33 2.40 10.68
C TYR A 262 -14.91 1.54 11.78
N HIS A 263 -14.68 0.23 11.72
CA HIS A 263 -15.19 -0.67 12.75
C HIS A 263 -14.49 -0.44 14.10
N ILE A 264 -13.44 0.37 14.09
CA ILE A 264 -12.71 0.72 15.31
C ILE A 264 -13.37 1.96 15.89
N GLY A 265 -14.14 2.63 15.06
CA GLY A 265 -14.78 3.87 15.47
C GLY A 265 -13.92 4.96 14.85
N LEU A 266 -13.89 6.15 15.44
CA LEU A 266 -13.08 7.21 14.89
C LEU A 266 -12.47 8.02 16.03
N PRO A 267 -11.31 7.56 16.54
CA PRO A 267 -10.63 8.24 17.64
C PRO A 267 -10.06 9.60 17.24
N ALA A 268 -9.63 10.35 18.25
CA ALA A 268 -9.08 11.68 18.04
C ALA A 268 -7.94 11.74 17.02
N ASP A 269 -7.08 10.72 16.99
CA ASP A 269 -5.94 10.72 16.06
C ASP A 269 -6.30 10.65 14.58
N ILE A 270 -7.48 10.15 14.26
CA ILE A 270 -7.88 10.04 12.86
C ILE A 270 -8.71 11.26 12.49
N LYS A 271 -8.03 12.30 12.00
CA LYS A 271 -8.65 13.57 11.62
C LYS A 271 -9.39 13.60 10.29
N LEU A 272 -8.81 12.99 9.25
CA LEU A 272 -9.43 12.96 7.94
C LEU A 272 -9.03 11.68 7.23
N VAL A 273 -9.99 10.76 7.09
CA VAL A 273 -9.74 9.49 6.45
C VAL A 273 -9.63 9.63 4.94
N LYS A 274 -8.54 9.13 4.38
CA LYS A 274 -8.33 9.18 2.94
C LYS A 274 -8.81 7.88 2.30
N MET A 275 -8.87 6.82 3.10
CA MET A 275 -9.35 5.54 2.62
C MET A 275 -9.78 4.65 3.78
N SER A 276 -10.84 3.87 3.55
CA SER A 276 -11.35 2.99 4.59
C SER A 276 -11.52 1.57 4.07
N TRP A 277 -11.46 0.60 4.98
CA TRP A 277 -11.62 -0.80 4.64
C TRP A 277 -13.08 -1.03 4.25
N GLN A 278 -13.33 -2.15 3.56
CA GLN A 278 -14.68 -2.55 3.15
C GLN A 278 -15.29 -3.56 4.14
N THR A 279 -14.40 -4.42 4.69
CA THR A 279 -14.78 -5.53 5.62
C THR A 279 -14.54 -5.41 7.14
N LYS A 280 -15.45 -5.93 7.92
CA LYS A 280 -15.23 -6.12 9.34
C LYS A 280 -14.56 -7.45 9.61
N GLU A 281 -13.37 -7.39 10.18
CA GLU A 281 -12.59 -8.56 10.55
C GLU A 281 -12.25 -8.68 12.02
N1 UDP B . -7.99 -11.20 -3.46
C2 UDP B . -8.95 -11.40 -4.50
N3 UDP B . -9.79 -12.47 -4.37
C4 UDP B . -9.75 -13.35 -3.26
C5 UDP B . -8.80 -13.15 -2.23
C6 UDP B . -7.94 -12.07 -2.36
O2 UDP B . -9.00 -10.67 -5.46
O4 UDP B . -10.56 -14.26 -3.27
C1' UDP B . -7.05 -10.01 -3.61
C2' UDP B . -7.88 -8.70 -3.44
O2' UDP B . -7.25 -7.66 -4.16
C3' UDP B . -7.84 -8.46 -1.97
C4' UDP B . -6.41 -8.95 -1.64
O4' UDP B . -6.11 -9.85 -2.62
O3' UDP B . -7.98 -7.08 -1.57
C5' UDP B . -6.14 -9.49 -0.11
O5' UDP B . -7.22 -10.19 0.26
PA UDP B . -8.13 -9.68 1.36
O1A UDP B . -8.42 -8.42 1.04
O2A UDP B . -9.17 -10.51 1.31
O3A UDP B . -7.44 -9.75 2.74
PB UDP B . -7.87 -9.01 3.96
O1B UDP B . -7.68 -7.67 3.96
O2B UDP B . -7.13 -9.26 5.05
O3B UDP B . -9.13 -9.28 4.42
MN MN C . -8.16 -6.37 2.12
MN MN D . -4.12 -6.71 8.45
#